data_5UFD
#
_entry.id   5UFD
#
_cell.length_a   43.339
_cell.length_b   78.895
_cell.length_c   158.804
_cell.angle_alpha   90.000
_cell.angle_beta   90.000
_cell.angle_gamma   90.000
#
_symmetry.space_group_name_H-M   'P 21 21 21'
#
loop_
_entity.id
_entity.type
_entity.pdbx_description
1 polymer RBC36
2 non-polymer 'MAGNESIUM ION'
3 water water
#
_entity_poly.entity_id   1
_entity_poly.type   'polypeptide(L)'
_entity_poly.pdbx_seq_one_letter_code
;ADPGHHHHHHGGCPSQCSCSGTTVDCRSKRHASVPAGIPTNAQILYLHDNQITKLEPGVFDSLINLKELYLGSNQLGALP
VGVFDSLTQLTVLDLGTNQLTVLPSAVFDRLVHLKELFMCCNKLTELPRGIERLTHLTHLALDQNQLKSIPHGAFDRLSS
LTHAYLFGNPWDCECRDIMYLRNWVADHTSIAMRWDGKAVNDPDSAKCAGTNTPVRAVTEASTSPSKCP
;
_entity_poly.pdbx_strand_id   A,B
#
# COMPACT_ATOMS: atom_id res chain seq x y z
N ALA A 1 -9.56 -6.81 -25.75
CA ALA A 1 -8.96 -5.50 -25.60
C ALA A 1 -8.39 -5.01 -26.94
N ASP A 2 -7.92 -5.92 -27.78
CA ASP A 2 -7.56 -5.53 -29.15
C ASP A 2 -8.79 -5.71 -30.03
N PRO A 3 -9.35 -4.59 -30.52
CA PRO A 3 -10.62 -4.64 -31.26
C PRO A 3 -10.46 -5.12 -32.70
N GLY A 4 -9.23 -5.35 -33.17
CA GLY A 4 -9.03 -5.80 -34.53
C GLY A 4 -8.90 -4.67 -35.54
N HIS A 5 -8.60 -3.48 -35.03
CA HIS A 5 -8.36 -2.31 -35.86
C HIS A 5 -7.64 -1.29 -34.99
N HIS A 6 -7.33 -0.13 -35.57
CA HIS A 6 -6.61 0.91 -34.82
C HIS A 6 -7.39 2.21 -34.74
N HIS A 7 -8.71 2.12 -34.91
CA HIS A 7 -9.56 3.29 -34.97
C HIS A 7 -9.80 3.98 -33.63
N HIS A 8 -9.39 3.35 -32.53
CA HIS A 8 -9.58 3.92 -31.20
C HIS A 8 -8.55 5.00 -30.90
N HIS A 9 -7.52 5.08 -31.74
CA HIS A 9 -6.44 6.04 -31.51
C HIS A 9 -6.38 7.08 -32.62
N HIS A 10 -6.40 8.35 -32.24
CA HIS A 10 -6.35 9.43 -33.23
C HIS A 10 -5.13 9.30 -34.13
N GLY A 11 -4.00 8.93 -33.54
CA GLY A 11 -2.78 8.75 -34.31
C GLY A 11 -2.54 7.33 -34.79
N GLY A 12 -3.53 6.45 -34.62
CA GLY A 12 -3.34 5.05 -34.95
C GLY A 12 -2.36 4.39 -33.99
N CYS A 13 -1.90 3.20 -34.34
CA CYS A 13 -0.92 2.47 -33.54
C CYS A 13 0.44 2.64 -34.17
N PRO A 14 1.47 2.93 -33.36
CA PRO A 14 2.82 3.11 -33.92
C PRO A 14 3.25 1.90 -34.76
N SER A 15 3.96 2.15 -35.85
CA SER A 15 4.39 1.07 -36.72
C SER A 15 5.37 0.19 -35.97
N GLN A 16 5.31 -1.11 -36.25
CA GLN A 16 6.09 -2.13 -35.53
C GLN A 16 5.75 -2.14 -34.03
N CYS A 17 4.49 -1.83 -33.73
CA CYS A 17 3.93 -2.03 -32.40
C CYS A 17 2.54 -2.62 -32.52
N SER A 18 2.06 -3.21 -31.44
CA SER A 18 0.67 -3.62 -31.38
CA SER A 18 0.67 -3.63 -31.37
C SER A 18 -0.04 -2.86 -30.26
N CYS A 19 -1.33 -2.68 -30.40
CA CYS A 19 -2.09 -1.94 -29.41
C CYS A 19 -3.24 -2.80 -28.95
N SER A 20 -3.41 -2.90 -27.64
CA SER A 20 -4.52 -3.65 -27.09
C SER A 20 -5.01 -2.95 -25.83
N GLY A 21 -6.22 -2.40 -25.89
CA GLY A 21 -6.72 -1.57 -24.82
C GLY A 21 -5.75 -0.44 -24.52
N THR A 22 -5.28 -0.38 -23.28
CA THR A 22 -4.33 0.66 -22.89
C THR A 22 -2.90 0.12 -22.87
N THR A 23 -2.68 -0.99 -23.54
CA THR A 23 -1.34 -1.57 -23.63
C THR A 23 -0.77 -1.33 -25.02
N VAL A 24 0.44 -0.78 -25.05
CA VAL A 24 1.14 -0.55 -26.30
C VAL A 24 2.40 -1.42 -26.30
N ASP A 25 2.46 -2.37 -27.22
CA ASP A 25 3.53 -3.38 -27.20
C ASP A 25 4.48 -3.22 -28.37
N CYS A 26 5.69 -2.73 -28.11
CA CYS A 26 6.67 -2.47 -29.16
C CYS A 26 7.89 -3.38 -28.98
N ARG A 27 7.72 -4.47 -28.25
CA ARG A 27 8.87 -5.31 -27.91
C ARG A 27 9.44 -5.97 -29.16
N SER A 28 10.74 -6.17 -29.17
CA SER A 28 11.38 -7.11 -30.10
C SER A 28 11.16 -6.78 -31.58
N LYS A 29 11.27 -5.50 -31.95
CA LYS A 29 11.00 -5.08 -33.33
C LYS A 29 12.07 -4.15 -33.88
N ARG A 30 13.29 -4.27 -33.35
CA ARG A 30 14.46 -3.55 -33.85
C ARG A 30 14.34 -2.02 -33.73
N HIS A 31 13.54 -1.53 -32.79
CA HIS A 31 13.40 -0.08 -32.63
C HIS A 31 14.73 0.52 -32.19
N ALA A 32 15.15 1.60 -32.86
CA ALA A 32 16.40 2.26 -32.50
C ALA A 32 16.10 3.51 -31.71
N SER A 33 14.81 3.87 -31.65
CA SER A 33 14.32 5.00 -30.89
C SER A 33 12.91 4.70 -30.43
N VAL A 34 12.42 5.45 -29.46
CA VAL A 34 11.01 5.33 -29.09
C VAL A 34 10.14 5.77 -30.27
N PRO A 35 9.20 4.90 -30.67
CA PRO A 35 8.30 5.15 -31.80
C PRO A 35 7.45 6.40 -31.56
N ALA A 36 7.18 7.16 -32.62
CA ALA A 36 6.27 8.29 -32.52
C ALA A 36 4.82 7.83 -32.46
N GLY A 37 3.97 8.65 -31.86
CA GLY A 37 2.54 8.45 -31.92
C GLY A 37 1.97 7.43 -30.94
N ILE A 38 2.67 7.21 -29.84
CA ILE A 38 2.14 6.37 -28.79
C ILE A 38 0.88 7.00 -28.18
N PRO A 39 -0.23 6.26 -28.15
CA PRO A 39 -1.50 6.77 -27.61
C PRO A 39 -1.35 7.31 -26.19
N THR A 40 -1.95 8.46 -25.91
CA THR A 40 -1.74 9.10 -24.62
C THR A 40 -2.55 8.46 -23.49
N ASN A 41 -3.48 7.57 -23.83
CA ASN A 41 -4.19 6.82 -22.78
C ASN A 41 -3.41 5.58 -22.36
N ALA A 42 -2.21 5.41 -22.91
CA ALA A 42 -1.41 4.21 -22.64
C ALA A 42 -1.13 4.05 -21.16
N GLN A 43 -1.30 2.83 -20.66
CA GLN A 43 -0.99 2.53 -19.27
C GLN A 43 0.18 1.56 -19.15
N ILE A 44 0.35 0.69 -20.14
CA ILE A 44 1.46 -0.22 -20.16
C ILE A 44 2.20 -0.06 -21.49
N LEU A 45 3.49 0.21 -21.41
CA LEU A 45 4.32 0.42 -22.60
C LEU A 45 5.50 -0.53 -22.60
N TYR A 46 5.49 -1.47 -23.55
CA TYR A 46 6.60 -2.40 -23.70
C TYR A 46 7.56 -1.91 -24.78
N LEU A 47 8.76 -1.52 -24.38
CA LEU A 47 9.79 -1.12 -25.34
C LEU A 47 11.01 -2.01 -25.24
N HIS A 48 10.87 -3.13 -24.54
CA HIS A 48 12.04 -3.95 -24.23
C HIS A 48 12.51 -4.79 -25.41
N ASP A 49 13.77 -5.24 -25.34
CA ASP A 49 14.37 -6.06 -26.39
C ASP A 49 14.38 -5.36 -27.75
N ASN A 50 14.84 -4.11 -27.75
CA ASN A 50 15.07 -3.39 -28.98
C ASN A 50 16.52 -2.93 -29.05
N GLN A 51 16.81 -1.90 -29.85
CA GLN A 51 18.17 -1.41 -30.00
C GLN A 51 18.21 0.08 -29.71
N ILE A 52 17.48 0.50 -28.67
CA ILE A 52 17.42 1.89 -28.30
C ILE A 52 18.69 2.27 -27.55
N THR A 53 19.43 3.23 -28.07
CA THR A 53 20.72 3.62 -27.49
C THR A 53 20.60 4.88 -26.66
N LYS A 54 19.54 5.63 -26.91
CA LYS A 54 19.31 6.88 -26.19
C LYS A 54 17.84 7.25 -26.20
N LEU A 55 17.45 8.08 -25.25
CA LEU A 55 16.11 8.63 -25.19
C LEU A 55 16.17 10.14 -25.47
N GLU A 56 15.26 10.62 -26.31
CA GLU A 56 15.17 12.06 -26.52
C GLU A 56 14.55 12.68 -25.28
N PRO A 57 15.08 13.83 -24.84
CA PRO A 57 14.44 14.54 -23.75
C PRO A 57 12.96 14.76 -24.04
N GLY A 58 12.10 14.50 -23.06
CA GLY A 58 10.68 14.78 -23.20
C GLY A 58 9.88 13.71 -23.91
N VAL A 59 10.55 12.66 -24.37
CA VAL A 59 9.89 11.63 -25.18
C VAL A 59 8.65 11.03 -24.51
N PHE A 60 8.62 10.98 -23.18
CA PHE A 60 7.49 10.39 -22.46
C PHE A 60 6.53 11.41 -21.84
N ASP A 61 6.79 12.70 -22.04
CA ASP A 61 6.06 13.75 -21.32
C ASP A 61 4.53 13.69 -21.49
N SER A 62 4.09 13.22 -22.64
CA SER A 62 2.66 13.17 -22.96
C SER A 62 1.95 11.97 -22.32
N LEU A 63 2.71 10.97 -21.91
CA LEU A 63 2.11 9.73 -21.42
C LEU A 63 1.77 9.80 -19.94
N ILE A 64 0.86 10.70 -19.58
CA ILE A 64 0.60 10.98 -18.17
C ILE A 64 -0.19 9.89 -17.46
N ASN A 65 -0.72 8.93 -18.20
CA ASN A 65 -1.48 7.84 -17.60
C ASN A 65 -0.67 6.55 -17.44
N LEU A 66 0.61 6.59 -17.80
CA LEU A 66 1.44 5.39 -17.80
C LEU A 66 1.58 4.81 -16.39
N LYS A 67 1.33 3.51 -16.26
CA LYS A 67 1.51 2.81 -15.00
C LYS A 67 2.77 1.92 -15.04
N GLU A 68 3.07 1.37 -16.21
CA GLU A 68 4.19 0.41 -16.35
C GLU A 68 5.03 0.74 -17.58
N LEU A 69 6.34 0.86 -17.40
CA LEU A 69 7.26 1.21 -18.48
C LEU A 69 8.41 0.19 -18.54
N TYR A 70 8.48 -0.57 -19.64
CA TYR A 70 9.52 -1.60 -19.79
C TYR A 70 10.55 -1.22 -20.85
N LEU A 71 11.77 -0.94 -20.40
CA LEU A 71 12.87 -0.51 -21.27
C LEU A 71 14.03 -1.48 -21.21
N GLY A 72 13.78 -2.66 -20.64
CA GLY A 72 14.83 -3.64 -20.48
C GLY A 72 15.40 -4.14 -21.79
N SER A 73 16.65 -4.63 -21.74
CA SER A 73 17.30 -5.21 -22.91
C SER A 73 17.35 -4.25 -24.10
N ASN A 74 17.86 -3.05 -23.85
CA ASN A 74 18.19 -2.14 -24.94
C ASN A 74 19.68 -1.81 -24.84
N GLN A 75 20.10 -0.66 -25.36
CA GLN A 75 21.51 -0.28 -25.20
C GLN A 75 21.63 1.11 -24.63
N LEU A 76 20.78 1.42 -23.67
CA LEU A 76 20.79 2.74 -23.04
C LEU A 76 22.08 2.96 -22.29
N GLY A 77 22.79 4.02 -22.64
CA GLY A 77 24.06 4.35 -21.98
C GLY A 77 23.88 5.48 -21.00
N ALA A 78 22.78 6.22 -21.16
CA ALA A 78 22.45 7.34 -20.28
C ALA A 78 20.95 7.59 -20.29
N LEU A 79 20.47 8.35 -19.31
CA LEU A 79 19.11 8.86 -19.32
C LEU A 79 19.12 10.37 -19.34
N PRO A 80 18.20 11.00 -20.09
CA PRO A 80 18.08 12.46 -20.07
C PRO A 80 17.55 12.95 -18.74
N VAL A 81 18.02 14.12 -18.30
CA VAL A 81 17.44 14.77 -17.13
C VAL A 81 15.93 14.93 -17.25
N GLY A 82 15.19 14.51 -16.23
CA GLY A 82 13.75 14.69 -16.17
C GLY A 82 12.90 13.76 -17.03
N VAL A 83 13.53 12.72 -17.58
CA VAL A 83 12.85 11.93 -18.60
C VAL A 83 11.58 11.22 -18.08
N PHE A 84 11.50 10.96 -16.77
CA PHE A 84 10.34 10.28 -16.21
C PHE A 84 9.39 11.21 -15.43
N ASP A 85 9.69 12.50 -15.42
CA ASP A 85 8.96 13.44 -14.54
C ASP A 85 7.43 13.52 -14.73
N SER A 86 6.94 13.33 -15.96
CA SER A 86 5.51 13.37 -16.20
C SER A 86 4.76 12.12 -15.76
N LEU A 87 5.51 11.05 -15.49
CA LEU A 87 4.92 9.74 -15.25
C LEU A 87 4.54 9.52 -13.78
N THR A 88 3.68 10.40 -13.27
CA THR A 88 3.46 10.44 -11.82
C THR A 88 2.56 9.32 -11.35
N GLN A 89 1.97 8.58 -12.29
CA GLN A 89 1.15 7.42 -11.96
C GLN A 89 1.93 6.10 -12.09
N LEU A 90 3.20 6.19 -12.47
CA LEU A 90 3.99 4.99 -12.75
C LEU A 90 4.15 4.14 -11.50
N THR A 91 3.94 2.84 -11.63
CA THR A 91 4.19 1.92 -10.51
C THR A 91 5.27 0.89 -10.82
N VAL A 92 5.52 0.63 -12.10
CA VAL A 92 6.60 -0.29 -12.48
C VAL A 92 7.53 0.34 -13.51
N LEU A 93 8.82 0.31 -13.23
CA LEU A 93 9.84 0.79 -14.14
C LEU A 93 10.92 -0.26 -14.30
N ASP A 94 11.17 -0.69 -15.54
CA ASP A 94 12.22 -1.67 -15.80
C ASP A 94 13.31 -1.11 -16.72
N LEU A 95 14.51 -0.97 -16.17
CA LEU A 95 15.69 -0.49 -16.90
C LEU A 95 16.78 -1.56 -16.98
N GLY A 96 16.40 -2.79 -16.68
CA GLY A 96 17.36 -3.87 -16.61
C GLY A 96 18.01 -4.21 -17.94
N THR A 97 19.26 -4.67 -17.87
CA THR A 97 20.00 -5.13 -19.04
C THR A 97 20.09 -3.98 -20.06
N ASN A 98 20.77 -2.93 -19.62
CA ASN A 98 21.17 -1.83 -20.49
C ASN A 98 22.64 -1.59 -20.22
N GLN A 99 23.11 -0.39 -20.51
CA GLN A 99 24.52 -0.09 -20.33
C GLN A 99 24.69 1.15 -19.46
N LEU A 100 23.80 1.32 -18.50
CA LEU A 100 23.79 2.51 -17.66
C LEU A 100 24.96 2.51 -16.68
N THR A 101 25.68 3.62 -16.62
CA THR A 101 26.80 3.71 -15.69
C THR A 101 26.48 4.67 -14.56
N VAL A 102 25.78 5.75 -14.89
CA VAL A 102 25.34 6.72 -13.92
C VAL A 102 23.91 7.10 -14.29
N LEU A 103 23.15 7.62 -13.32
CA LEU A 103 21.82 8.16 -13.59
C LEU A 103 21.77 9.61 -13.16
N PRO A 104 20.94 10.42 -13.83
CA PRO A 104 20.71 11.79 -13.35
C PRO A 104 20.29 11.77 -11.88
N SER A 105 20.82 12.69 -11.08
CA SER A 105 20.63 12.60 -9.63
C SER A 105 19.15 12.63 -9.24
N ALA A 106 18.33 13.34 -9.99
CA ALA A 106 16.94 13.50 -9.61
C ALA A 106 15.98 12.66 -10.45
N VAL A 107 16.53 11.69 -11.17
CA VAL A 107 15.76 11.03 -12.22
C VAL A 107 14.52 10.31 -11.67
N PHE A 108 14.56 9.85 -10.42
CA PHE A 108 13.42 9.15 -9.84
C PHE A 108 12.52 10.00 -8.96
N ASP A 109 12.88 11.28 -8.78
CA ASP A 109 12.25 12.10 -7.74
C ASP A 109 10.73 12.27 -7.88
N ARG A 110 10.20 12.31 -9.09
CA ARG A 110 8.75 12.54 -9.26
C ARG A 110 7.94 11.24 -9.30
N LEU A 111 8.61 10.10 -9.18
CA LEU A 111 7.92 8.82 -9.22
C LEU A 111 7.55 8.39 -7.81
N VAL A 112 6.80 9.26 -7.13
CA VAL A 112 6.59 9.15 -5.70
C VAL A 112 5.85 7.86 -5.33
N HIS A 113 5.06 7.34 -6.26
CA HIS A 113 4.25 6.15 -6.01
C HIS A 113 4.80 4.88 -6.66
N LEU A 114 6.05 4.91 -7.10
CA LEU A 114 6.63 3.73 -7.74
CA LEU A 114 6.68 3.74 -7.72
C LEU A 114 6.61 2.53 -6.79
N LYS A 115 6.24 1.37 -7.33
CA LYS A 115 6.20 0.16 -6.50
C LYS A 115 7.30 -0.84 -6.84
N GLU A 116 7.71 -0.87 -8.10
CA GLU A 116 8.69 -1.87 -8.53
C GLU A 116 9.72 -1.25 -9.44
N LEU A 117 10.99 -1.32 -9.04
CA LEU A 117 12.07 -0.73 -9.80
C LEU A 117 13.10 -1.81 -10.13
N PHE A 118 13.32 -2.05 -11.43
CA PHE A 118 14.24 -3.09 -11.88
C PHE A 118 15.41 -2.47 -12.61
N MET A 119 16.62 -2.63 -12.07
CA MET A 119 17.80 -2.05 -12.70
C MET A 119 18.95 -3.04 -12.77
N CYS A 120 18.64 -4.33 -12.88
CA CYS A 120 19.72 -5.31 -12.93
C CYS A 120 20.56 -5.13 -14.16
N CYS A 121 21.75 -5.75 -14.14
CA CYS A 121 22.48 -6.03 -15.36
C CYS A 121 22.82 -4.75 -16.12
N ASN A 122 23.25 -3.74 -15.38
CA ASN A 122 23.79 -2.52 -15.96
C ASN A 122 25.26 -2.41 -15.54
N LYS A 123 25.77 -1.18 -15.49
CA LYS A 123 27.16 -0.97 -15.09
C LYS A 123 27.21 0.02 -13.92
N LEU A 124 26.18 -0.03 -13.07
CA LEU A 124 26.12 0.88 -11.94
C LEU A 124 27.21 0.59 -10.92
N THR A 125 27.91 1.63 -10.46
CA THR A 125 28.96 1.47 -9.47
C THR A 125 28.61 2.05 -8.10
N GLU A 126 27.51 2.80 -8.05
CA GLU A 126 27.00 3.34 -6.80
C GLU A 126 25.49 3.30 -6.80
N LEU A 127 24.90 3.19 -5.62
CA LEU A 127 23.45 3.29 -5.51
C LEU A 127 22.95 4.64 -6.01
N PRO A 128 22.00 4.64 -6.97
CA PRO A 128 21.34 5.91 -7.29
C PRO A 128 20.63 6.44 -6.04
N ARG A 129 21.11 7.56 -5.50
CA ARG A 129 20.59 8.00 -4.22
C ARG A 129 19.17 8.45 -4.46
N GLY A 130 18.34 8.42 -3.44
CA GLY A 130 16.99 8.90 -3.79
C GLY A 130 16.11 7.85 -4.43
N ILE A 131 16.70 6.71 -4.79
CA ILE A 131 15.97 5.48 -4.62
C ILE A 131 15.56 5.48 -3.12
N GLU A 132 16.35 6.14 -2.29
CA GLU A 132 16.07 6.27 -0.86
C GLU A 132 14.69 6.83 -0.52
N ARG A 133 14.14 7.68 -1.39
CA ARG A 133 12.88 8.35 -1.10
C ARG A 133 11.68 7.69 -1.76
N LEU A 134 11.91 6.58 -2.45
CA LEU A 134 10.82 5.84 -3.10
C LEU A 134 10.15 4.93 -2.08
N THR A 135 9.40 5.54 -1.17
CA THR A 135 8.93 4.85 0.02
C THR A 135 7.86 3.79 -0.23
N HIS A 136 7.26 3.79 -1.42
CA HIS A 136 6.23 2.79 -1.70
C HIS A 136 6.77 1.57 -2.42
N LEU A 137 8.09 1.50 -2.62
CA LEU A 137 8.68 0.34 -3.29
C LEU A 137 8.41 -0.97 -2.56
N THR A 138 7.93 -1.96 -3.29
CA THR A 138 7.84 -3.35 -2.82
C THR A 138 8.99 -4.17 -3.40
N HIS A 139 9.41 -3.82 -4.62
CA HIS A 139 10.44 -4.57 -5.34
C HIS A 139 11.58 -3.65 -5.75
N LEU A 140 12.79 -4.03 -5.40
CA LEU A 140 13.98 -3.31 -5.86
C LEU A 140 15.01 -4.30 -6.38
N ALA A 141 15.39 -4.18 -7.64
CA ALA A 141 16.35 -5.12 -8.23
C ALA A 141 17.60 -4.36 -8.67
N LEU A 142 18.72 -4.68 -8.01
CA LEU A 142 20.00 -4.06 -8.32
C LEU A 142 21.05 -5.11 -8.68
N ASP A 143 20.60 -6.33 -8.94
CA ASP A 143 21.50 -7.45 -9.12
C ASP A 143 22.35 -7.33 -10.37
N GLN A 144 23.54 -7.94 -10.32
CA GLN A 144 24.44 -8.00 -11.45
C GLN A 144 24.86 -6.62 -11.94
N ASN A 145 25.16 -5.73 -10.98
CA ASN A 145 25.81 -4.48 -11.29
C ASN A 145 27.24 -4.53 -10.74
N GLN A 146 27.83 -3.38 -10.50
CA GLN A 146 29.17 -3.34 -9.94
C GLN A 146 29.20 -2.56 -8.64
N LEU A 147 28.14 -2.74 -7.83
CA LEU A 147 28.04 -2.03 -6.55
C LEU A 147 28.99 -2.62 -5.53
N LYS A 148 29.66 -1.75 -4.76
CA LYS A 148 30.61 -2.22 -3.75
C LYS A 148 30.08 -2.03 -2.33
N SER A 149 29.14 -1.11 -2.16
CA SER A 149 28.59 -0.83 -0.83
CA SER A 149 28.63 -0.79 -0.83
C SER A 149 27.30 -0.04 -0.93
N ILE A 150 26.61 0.11 0.20
CA ILE A 150 25.37 0.89 0.26
C ILE A 150 25.59 2.01 1.28
N PRO A 151 25.30 3.26 0.90
CA PRO A 151 25.48 4.38 1.84
C PRO A 151 24.69 4.14 3.13
N HIS A 152 25.27 4.48 4.27
CA HIS A 152 24.59 4.28 5.55
C HIS A 152 23.17 4.85 5.55
N GLY A 153 22.20 4.02 5.94
CA GLY A 153 20.83 4.46 6.06
C GLY A 153 20.01 4.50 4.78
N ALA A 154 20.58 4.07 3.66
CA ALA A 154 19.94 4.24 2.35
C ALA A 154 18.60 3.55 2.22
N PHE A 155 18.40 2.44 2.92
CA PHE A 155 17.18 1.66 2.76
C PHE A 155 16.18 1.89 3.89
N ASP A 156 16.49 2.80 4.80
CA ASP A 156 15.73 2.86 6.04
C ASP A 156 14.31 3.44 5.89
N ARG A 157 14.03 4.16 4.81
CA ARG A 157 12.66 4.64 4.56
C ARG A 157 11.85 3.72 3.67
N LEU A 158 12.44 2.64 3.20
CA LEU A 158 11.74 1.74 2.28
C LEU A 158 10.97 0.68 3.05
N SER A 159 9.95 1.13 3.78
CA SER A 159 9.22 0.33 4.74
C SER A 159 8.21 -0.63 4.11
N SER A 160 8.07 -0.57 2.79
CA SER A 160 7.14 -1.46 2.09
C SER A 160 7.85 -2.52 1.26
N LEU A 161 9.19 -2.50 1.28
CA LEU A 161 9.95 -3.49 0.52
C LEU A 161 9.60 -4.90 0.95
N THR A 162 9.33 -5.75 -0.03
CA THR A 162 9.12 -7.18 0.19
C THR A 162 10.10 -8.05 -0.60
N HIS A 163 10.67 -7.48 -1.65
CA HIS A 163 11.62 -8.17 -2.53
C HIS A 163 12.82 -7.30 -2.89
N ALA A 164 13.99 -7.66 -2.36
CA ALA A 164 15.23 -6.98 -2.69
C ALA A 164 16.18 -7.94 -3.39
N TYR A 165 16.64 -7.58 -4.59
CA TYR A 165 17.56 -8.44 -5.35
C TYR A 165 18.93 -7.79 -5.42
N LEU A 166 19.91 -8.36 -4.73
CA LEU A 166 21.25 -7.77 -4.63
C LEU A 166 22.37 -8.70 -5.13
N PHE A 167 21.99 -9.87 -5.64
CA PHE A 167 22.94 -10.89 -6.11
C PHE A 167 23.89 -10.32 -7.15
N GLY A 168 25.11 -10.86 -7.20
CA GLY A 168 25.99 -10.60 -8.32
C GLY A 168 26.69 -9.26 -8.31
N ASN A 169 26.73 -8.59 -7.16
CA ASN A 169 27.50 -7.36 -6.99
C ASN A 169 28.77 -7.66 -6.20
N PRO A 170 29.88 -7.00 -6.54
CA PRO A 170 31.14 -7.20 -5.83
C PRO A 170 31.20 -6.46 -4.50
N TRP A 171 30.35 -6.84 -3.56
CA TRP A 171 30.29 -6.12 -2.28
C TRP A 171 31.64 -6.16 -1.59
N ASP A 172 32.10 -4.99 -1.17
CA ASP A 172 33.42 -4.81 -0.60
C ASP A 172 33.36 -5.04 0.91
N CYS A 173 33.56 -6.29 1.32
CA CYS A 173 33.32 -6.65 2.70
C CYS A 173 34.50 -6.40 3.61
N GLU A 174 35.65 -6.01 3.04
CA GLU A 174 36.82 -5.69 3.84
C GLU A 174 36.69 -4.28 4.41
N CYS A 175 35.98 -3.42 3.69
CA CYS A 175 35.76 -2.04 4.10
C CYS A 175 34.69 -1.98 5.20
N ARG A 176 34.98 -1.24 6.28
CA ARG A 176 34.06 -1.25 7.41
C ARG A 176 32.68 -0.62 7.08
N ASP A 177 32.60 0.11 5.97
CA ASP A 177 31.32 0.70 5.57
C ASP A 177 30.28 -0.35 5.15
N ILE A 178 30.73 -1.60 4.97
CA ILE A 178 29.83 -2.70 4.59
C ILE A 178 28.86 -3.00 5.71
N MET A 179 29.17 -2.55 6.92
CA MET A 179 28.38 -2.98 8.06
C MET A 179 26.92 -2.51 8.01
N TYR A 180 26.64 -1.38 7.36
CA TYR A 180 25.24 -1.00 7.21
C TYR A 180 24.49 -2.08 6.40
N LEU A 181 25.03 -2.48 5.26
CA LEU A 181 24.38 -3.50 4.42
C LEU A 181 24.34 -4.85 5.12
N ARG A 182 25.44 -5.24 5.77
CA ARG A 182 25.47 -6.47 6.55
C ARG A 182 24.30 -6.51 7.54
N ASN A 183 24.20 -5.47 8.34
CA ASN A 183 23.17 -5.42 9.36
C ASN A 183 21.78 -5.33 8.75
N TRP A 184 21.66 -4.61 7.62
CA TRP A 184 20.36 -4.49 6.99
C TRP A 184 19.88 -5.84 6.45
N VAL A 185 20.77 -6.59 5.78
CA VAL A 185 20.38 -7.92 5.32
C VAL A 185 20.00 -8.82 6.50
N ALA A 186 20.81 -8.82 7.56
CA ALA A 186 20.52 -9.66 8.72
C ALA A 186 19.17 -9.31 9.36
N ASP A 187 18.82 -8.02 9.33
CA ASP A 187 17.54 -7.57 9.84
C ASP A 187 16.36 -7.81 8.88
N HIS A 188 16.67 -8.08 7.62
CA HIS A 188 15.63 -8.18 6.59
C HIS A 188 15.83 -9.41 5.72
N THR A 189 16.11 -10.54 6.36
CA THR A 189 16.32 -11.78 5.61
C THR A 189 15.07 -12.19 4.85
N SER A 190 13.90 -11.84 5.39
CA SER A 190 12.63 -12.22 4.77
C SER A 190 12.45 -11.62 3.40
N ILE A 191 13.15 -10.53 3.09
CA ILE A 191 12.97 -9.88 1.81
C ILE A 191 14.17 -10.07 0.88
N ALA A 192 15.18 -10.80 1.34
CA ALA A 192 16.33 -11.13 0.51
C ALA A 192 15.96 -12.15 -0.55
N MET A 193 15.92 -11.74 -1.80
CA MET A 193 15.46 -12.60 -2.89
C MET A 193 16.52 -12.83 -3.97
N ARG A 194 16.49 -14.01 -4.60
CA ARG A 194 17.15 -14.18 -5.88
C ARG A 194 16.10 -14.68 -6.86
N TRP A 195 16.30 -14.38 -8.13
CA TRP A 195 15.30 -14.74 -9.14
C TRP A 195 15.69 -16.00 -9.90
N ASP A 196 14.75 -16.95 -9.97
CA ASP A 196 14.90 -18.19 -10.73
C ASP A 196 13.54 -18.52 -11.36
N GLY A 197 13.07 -17.64 -12.22
CA GLY A 197 11.75 -17.82 -12.84
C GLY A 197 10.63 -17.57 -11.84
N LYS A 198 11.01 -17.04 -10.68
CA LYS A 198 10.14 -16.82 -9.54
C LYS A 198 11.02 -16.26 -8.42
N ALA A 199 10.42 -15.63 -7.42
CA ALA A 199 11.21 -15.12 -6.29
C ALA A 199 11.57 -16.22 -5.31
N VAL A 200 12.87 -16.38 -5.07
CA VAL A 200 13.36 -17.37 -4.13
C VAL A 200 13.96 -16.62 -2.94
N ASN A 201 13.45 -16.90 -1.74
CA ASN A 201 14.01 -16.27 -0.53
C ASN A 201 15.38 -16.88 -0.24
N ASP A 202 16.41 -16.07 -0.39
CA ASP A 202 17.78 -16.52 -0.21
C ASP A 202 18.60 -15.43 0.45
N PRO A 203 18.77 -15.51 1.77
CA PRO A 203 19.47 -14.47 2.51
C PRO A 203 20.97 -14.41 2.19
N ASP A 204 21.52 -15.43 1.53
CA ASP A 204 22.92 -15.40 1.14
C ASP A 204 23.12 -14.88 -0.28
N SER A 205 22.08 -14.29 -0.88
CA SER A 205 22.20 -13.79 -2.26
C SER A 205 23.28 -12.69 -2.38
N ALA A 206 23.33 -11.77 -1.41
CA ALA A 206 24.42 -10.80 -1.41
C ALA A 206 25.71 -11.43 -0.89
N LYS A 207 26.75 -11.43 -1.72
CA LYS A 207 28.02 -12.05 -1.34
C LYS A 207 29.22 -11.15 -1.50
N CYS A 208 30.22 -11.38 -0.66
CA CYS A 208 31.44 -10.58 -0.67
C CYS A 208 32.31 -10.82 -1.90
N ALA A 209 32.85 -9.74 -2.46
CA ALA A 209 33.80 -9.88 -3.56
C ALA A 209 34.98 -10.75 -3.15
N GLY A 210 35.39 -11.64 -4.04
CA GLY A 210 36.58 -12.44 -3.81
C GLY A 210 36.35 -13.72 -3.01
N THR A 211 35.86 -13.59 -1.79
CA THR A 211 35.63 -14.74 -0.92
C THR A 211 34.30 -15.43 -1.21
N ASN A 212 33.37 -14.68 -1.79
CA ASN A 212 32.03 -15.14 -2.09
C ASN A 212 31.23 -15.60 -0.87
N THR A 213 31.60 -15.13 0.31
CA THR A 213 30.87 -15.44 1.53
C THR A 213 29.68 -14.48 1.68
N PRO A 214 28.66 -14.88 2.48
CA PRO A 214 27.47 -14.02 2.61
C PRO A 214 27.76 -12.67 3.28
N VAL A 215 27.30 -11.59 2.66
CA VAL A 215 27.49 -10.26 3.25
C VAL A 215 26.92 -10.19 4.67
N ARG A 216 25.79 -10.86 4.89
CA ARG A 216 25.10 -10.76 6.17
C ARG A 216 25.89 -11.40 7.31
N ALA A 217 26.88 -12.22 6.98
CA ALA A 217 27.66 -12.91 8.00
C ALA A 217 28.95 -12.17 8.38
N VAL A 218 29.24 -11.06 7.70
CA VAL A 218 30.47 -10.32 7.96
C VAL A 218 30.57 -9.87 9.41
N THR A 219 31.74 -10.05 10.03
CA THR A 219 31.95 -9.50 11.37
C THR A 219 32.65 -8.15 11.32
N GLU A 220 32.29 -7.24 12.21
CA GLU A 220 32.93 -5.92 12.21
C GLU A 220 34.42 -6.05 12.45
N ALA A 221 34.80 -7.04 13.28
CA ALA A 221 36.21 -7.26 13.61
C ALA A 221 37.06 -7.57 12.37
N SER A 222 36.45 -8.22 11.38
CA SER A 222 37.14 -8.59 10.14
C SER A 222 37.32 -7.40 9.19
N THR A 223 36.62 -6.30 9.43
CA THR A 223 36.68 -5.14 8.56
C THR A 223 37.72 -4.13 9.05
N SER A 224 38.04 -3.17 8.19
CA SER A 224 38.98 -2.11 8.53
C SER A 224 38.60 -0.83 7.79
N PRO A 225 38.70 0.32 8.46
CA PRO A 225 38.47 1.57 7.73
C PRO A 225 39.52 1.83 6.67
N SER A 226 40.74 1.31 6.84
CA SER A 226 41.79 1.61 5.88
C SER A 226 41.69 0.72 4.64
N LYS A 227 40.71 -0.18 4.61
CA LYS A 227 40.45 -0.94 3.40
C LYS A 227 39.32 -0.32 2.61
N CYS A 228 38.87 0.85 3.03
CA CYS A 228 37.87 1.60 2.28
C CYS A 228 38.55 2.44 1.21
N PRO A 229 37.90 2.58 0.05
CA PRO A 229 38.41 3.36 -1.10
C PRO A 229 38.98 4.73 -0.73
N ASP B 2 -25.31 -26.10 1.70
CA ASP B 2 -25.08 -26.88 2.90
C ASP B 2 -25.87 -28.18 2.84
N PRO B 3 -25.50 -29.17 3.68
CA PRO B 3 -26.10 -30.49 3.52
C PRO B 3 -27.40 -30.73 4.31
N GLY B 4 -27.96 -29.69 4.91
CA GLY B 4 -29.19 -29.85 5.69
C GLY B 4 -28.98 -30.37 7.09
N HIS B 5 -27.76 -30.24 7.60
CA HIS B 5 -27.43 -30.59 8.98
C HIS B 5 -26.13 -29.86 9.35
N HIS B 6 -25.67 -30.03 10.58
CA HIS B 6 -24.46 -29.35 11.05
C HIS B 6 -23.30 -30.29 11.34
N HIS B 7 -23.37 -31.51 10.81
CA HIS B 7 -22.42 -32.55 11.17
C HIS B 7 -21.02 -32.39 10.57
N HIS B 8 -20.86 -31.51 9.59
CA HIS B 8 -19.55 -31.32 8.95
C HIS B 8 -18.56 -30.55 9.84
N HIS B 9 -19.07 -29.92 10.89
CA HIS B 9 -18.21 -29.29 11.89
C HIS B 9 -18.65 -29.75 13.28
N HIS B 10 -17.85 -29.44 14.30
CA HIS B 10 -18.15 -29.93 15.63
C HIS B 10 -18.98 -29.01 16.53
N GLY B 11 -18.95 -27.71 16.29
CA GLY B 11 -19.64 -26.78 17.17
C GLY B 11 -21.17 -26.82 17.33
N GLY B 12 -21.91 -27.43 16.41
CA GLY B 12 -23.35 -27.24 16.39
C GLY B 12 -23.67 -25.81 15.96
N CYS B 13 -24.78 -25.26 16.46
CA CYS B 13 -25.20 -23.89 16.09
C CYS B 13 -26.00 -23.27 17.23
N PRO B 14 -25.66 -22.03 17.62
CA PRO B 14 -26.37 -21.37 18.72
C PRO B 14 -27.87 -21.21 18.44
N SER B 15 -28.68 -21.20 19.49
CA SER B 15 -30.11 -20.95 19.35
CA SER B 15 -30.10 -20.96 19.33
C SER B 15 -30.34 -19.57 18.77
N GLN B 16 -31.36 -19.45 17.92
CA GLN B 16 -31.68 -18.19 17.25
C GLN B 16 -30.55 -17.74 16.33
N CYS B 17 -29.77 -18.71 15.85
CA CYS B 17 -28.84 -18.46 14.75
C CYS B 17 -29.02 -19.52 13.69
N SER B 18 -28.54 -19.22 12.50
CA SER B 18 -28.46 -20.22 11.44
CA SER B 18 -28.46 -20.20 11.42
C SER B 18 -27.01 -20.35 11.01
N CYS B 19 -26.59 -21.58 10.76
CA CYS B 19 -25.21 -21.85 10.43
C CYS B 19 -25.17 -22.68 9.16
N SER B 20 -24.33 -22.24 8.21
CA SER B 20 -24.12 -22.95 6.96
C SER B 20 -22.65 -22.81 6.57
N GLY B 21 -21.99 -23.94 6.34
CA GLY B 21 -20.57 -23.91 6.04
C GLY B 21 -19.81 -23.31 7.20
N THR B 22 -19.12 -22.20 6.96
CA THR B 22 -18.40 -21.53 8.04
C THR B 22 -19.02 -20.16 8.32
N THR B 23 -20.28 -20.00 7.93
CA THR B 23 -20.98 -18.74 8.22
C THR B 23 -21.98 -18.93 9.35
N VAL B 24 -21.84 -18.13 10.38
CA VAL B 24 -22.76 -18.16 11.52
C VAL B 24 -23.59 -16.89 11.51
N ASP B 25 -24.89 -17.03 11.31
CA ASP B 25 -25.75 -15.87 11.06
C ASP B 25 -26.75 -15.68 12.19
N CYS B 26 -26.49 -14.69 13.04
CA CYS B 26 -27.32 -14.42 14.19
C CYS B 26 -28.05 -13.08 14.06
N ARG B 27 -28.16 -12.56 12.84
CA ARG B 27 -28.69 -11.21 12.65
C ARG B 27 -30.19 -11.11 12.99
N SER B 28 -30.59 -9.96 13.52
CA SER B 28 -32.02 -9.65 13.64
C SER B 28 -32.82 -10.70 14.40
N LYS B 29 -32.28 -11.20 15.50
CA LYS B 29 -32.92 -12.29 16.23
C LYS B 29 -33.10 -11.99 17.70
N ARG B 30 -33.18 -10.70 18.01
CA ARG B 30 -33.46 -10.23 19.36
C ARG B 30 -32.46 -10.73 20.40
N HIS B 31 -31.18 -10.78 20.04
CA HIS B 31 -30.15 -11.18 20.99
C HIS B 31 -29.82 -10.02 21.92
N ALA B 32 -29.88 -10.28 23.23
CA ALA B 32 -29.52 -9.26 24.23
C ALA B 32 -28.06 -9.37 24.63
N SER B 33 -27.45 -10.49 24.26
CA SER B 33 -26.03 -10.76 24.52
C SER B 33 -25.50 -11.64 23.41
N VAL B 34 -24.19 -11.78 23.31
CA VAL B 34 -23.60 -12.69 22.33
C VAL B 34 -23.97 -14.12 22.70
N PRO B 35 -24.64 -14.84 21.78
CA PRO B 35 -25.07 -16.22 22.08
C PRO B 35 -23.90 -17.14 22.35
N ALA B 36 -24.08 -18.09 23.27
CA ALA B 36 -23.02 -19.05 23.54
C ALA B 36 -22.98 -20.10 22.45
N GLY B 37 -21.84 -20.75 22.31
CA GLY B 37 -21.72 -21.90 21.44
C GLY B 37 -21.41 -21.60 19.98
N ILE B 38 -20.86 -20.43 19.68
CA ILE B 38 -20.47 -20.14 18.32
C ILE B 38 -19.34 -21.08 17.92
N PRO B 39 -19.52 -21.83 16.82
CA PRO B 39 -18.53 -22.86 16.46
C PRO B 39 -17.19 -22.27 16.07
N THR B 40 -16.11 -22.95 16.44
CA THR B 40 -14.77 -22.42 16.22
C THR B 40 -14.37 -22.40 14.76
N ASN B 41 -15.13 -23.06 13.89
CA ASN B 41 -14.79 -23.05 12.46
C ASN B 41 -15.27 -21.76 11.77
N ALA B 42 -15.95 -20.90 12.51
CA ALA B 42 -16.59 -19.72 11.92
C ALA B 42 -15.60 -18.81 11.21
N GLN B 43 -15.93 -18.42 9.99
CA GLN B 43 -15.14 -17.44 9.26
C GLN B 43 -15.93 -16.14 9.08
N ILE B 44 -17.26 -16.26 9.00
CA ILE B 44 -18.11 -15.08 8.94
C ILE B 44 -19.12 -15.14 10.08
N LEU B 45 -19.14 -14.11 10.91
CA LEU B 45 -20.08 -14.02 12.02
C LEU B 45 -20.95 -12.77 11.92
N TYR B 46 -22.25 -12.99 11.69
CA TYR B 46 -23.22 -11.90 11.68
C TYR B 46 -23.91 -11.76 13.02
N LEU B 47 -23.65 -10.66 13.73
CA LEU B 47 -24.31 -10.39 15.01
C LEU B 47 -25.10 -9.10 14.96
N HIS B 48 -25.27 -8.57 13.76
CA HIS B 48 -25.81 -7.23 13.60
C HIS B 48 -27.33 -7.17 13.77
N ASP B 49 -27.84 -5.96 14.01
CA ASP B 49 -29.27 -5.73 14.24
C ASP B 49 -29.83 -6.58 15.40
N ASN B 50 -29.19 -6.47 16.55
CA ASN B 50 -29.70 -7.07 17.78
C ASN B 50 -29.69 -6.01 18.86
N GLN B 51 -29.75 -6.42 20.13
CA GLN B 51 -29.76 -5.46 21.23
C GLN B 51 -28.63 -5.76 22.20
N ILE B 52 -27.46 -6.09 21.66
CA ILE B 52 -26.31 -6.41 22.49
C ILE B 52 -25.74 -5.12 23.08
N THR B 53 -25.63 -5.08 24.41
CA THR B 53 -25.22 -3.86 25.11
C THR B 53 -23.76 -3.90 25.56
N LYS B 54 -23.19 -5.10 25.63
CA LYS B 54 -21.79 -5.24 26.01
C LYS B 54 -21.22 -6.54 25.50
N LEU B 55 -19.91 -6.57 25.35
CA LEU B 55 -19.17 -7.79 25.06
C LEU B 55 -18.40 -8.22 26.29
N GLU B 56 -18.48 -9.50 26.62
CA GLU B 56 -17.71 -10.01 27.73
C GLU B 56 -16.25 -10.14 27.30
N PRO B 57 -15.31 -9.84 28.21
CA PRO B 57 -13.91 -10.06 27.90
C PRO B 57 -13.67 -11.49 27.40
N GLY B 58 -12.98 -11.62 26.28
CA GLY B 58 -12.66 -12.93 25.76
C GLY B 58 -13.75 -13.68 25.02
N VAL B 59 -14.89 -13.04 24.79
CA VAL B 59 -16.01 -13.73 24.14
C VAL B 59 -15.64 -14.32 22.77
N PHE B 60 -14.71 -13.68 22.05
CA PHE B 60 -14.35 -14.12 20.71
C PHE B 60 -13.01 -14.85 20.64
N ASP B 61 -12.36 -15.04 21.79
CA ASP B 61 -11.00 -15.60 21.78
C ASP B 61 -10.85 -16.94 21.07
N SER B 62 -11.91 -17.75 21.05
CA SER B 62 -11.83 -19.07 20.44
C SER B 62 -12.02 -19.03 18.92
N LEU B 63 -12.50 -17.90 18.42
CA LEU B 63 -12.83 -17.81 17.00
C LEU B 63 -11.65 -17.40 16.14
N ILE B 64 -10.58 -18.19 16.18
CA ILE B 64 -9.31 -17.78 15.57
C ILE B 64 -9.33 -17.79 14.05
N ASN B 65 -10.36 -18.40 13.45
CA ASN B 65 -10.48 -18.47 12.00
C ASN B 65 -11.36 -17.36 11.40
N LEU B 66 -11.86 -16.47 12.26
CA LEU B 66 -12.79 -15.44 11.79
C LEU B 66 -12.14 -14.51 10.78
N LYS B 67 -12.85 -14.28 9.67
CA LYS B 67 -12.40 -13.34 8.66
C LYS B 67 -13.25 -12.08 8.65
N GLU B 68 -14.53 -12.22 8.97
CA GLU B 68 -15.45 -11.09 8.92
C GLU B 68 -16.34 -11.06 10.15
N LEU B 69 -16.45 -9.89 10.78
CA LEU B 69 -17.22 -9.78 12.02
C LEU B 69 -18.17 -8.58 11.93
N TYR B 70 -19.48 -8.85 12.05
CA TYR B 70 -20.49 -7.81 11.91
C TYR B 70 -21.21 -7.58 13.23
N LEU B 71 -20.92 -6.44 13.85
CA LEU B 71 -21.50 -6.05 15.13
C LEU B 71 -22.38 -4.81 15.01
N GLY B 72 -22.70 -4.42 13.78
CA GLY B 72 -23.46 -3.20 13.54
C GLY B 72 -24.87 -3.22 14.08
N SER B 73 -25.44 -2.04 14.29
CA SER B 73 -26.81 -1.90 14.78
C SER B 73 -27.05 -2.72 16.05
N ASN B 74 -26.25 -2.43 17.07
CA ASN B 74 -26.47 -2.97 18.40
C ASN B 74 -26.45 -1.81 19.37
N GLN B 75 -26.21 -2.08 20.65
CA GLN B 75 -26.18 -0.99 21.64
C GLN B 75 -24.88 -0.96 22.42
N LEU B 76 -23.76 -1.21 21.73
CA LEU B 76 -22.45 -1.21 22.36
C LEU B 76 -21.99 0.19 22.76
N GLY B 77 -21.66 0.37 24.03
CA GLY B 77 -21.19 1.66 24.52
C GLY B 77 -19.69 1.69 24.72
N ALA B 78 -19.10 0.50 24.75
CA ALA B 78 -17.66 0.33 24.92
C ALA B 78 -17.26 -1.05 24.41
N LEU B 79 -15.96 -1.23 24.20
CA LEU B 79 -15.40 -2.56 23.92
C LEU B 79 -14.41 -2.90 25.04
N PRO B 80 -14.35 -4.19 25.43
CA PRO B 80 -13.35 -4.62 26.43
C PRO B 80 -11.95 -4.61 25.84
N VAL B 81 -10.95 -4.36 26.67
CA VAL B 81 -9.58 -4.43 26.24
C VAL B 81 -9.27 -5.80 25.63
N GLY B 82 -8.63 -5.78 24.45
CA GLY B 82 -8.14 -6.98 23.83
C GLY B 82 -9.21 -7.88 23.19
N VAL B 83 -10.42 -7.35 23.04
CA VAL B 83 -11.54 -8.18 22.58
C VAL B 83 -11.34 -8.81 21.19
N PHE B 84 -10.57 -8.15 20.32
CA PHE B 84 -10.31 -8.70 18.98
C PHE B 84 -8.92 -9.34 18.84
N ASP B 85 -8.19 -9.51 19.94
CA ASP B 85 -6.79 -9.90 19.87
C ASP B 85 -6.53 -11.29 19.24
N SER B 86 -7.48 -12.23 19.40
CA SER B 86 -7.33 -13.55 18.79
C SER B 86 -7.69 -13.59 17.31
N LEU B 87 -8.35 -12.54 16.82
CA LEU B 87 -8.90 -12.57 15.47
C LEU B 87 -7.90 -12.07 14.43
N THR B 88 -6.73 -12.68 14.40
CA THR B 88 -5.64 -12.13 13.60
C THR B 88 -5.84 -12.32 12.09
N GLN B 89 -6.80 -13.15 11.70
CA GLN B 89 -7.12 -13.32 10.28
C GLN B 89 -8.21 -12.36 9.78
N LEU B 90 -8.71 -11.49 10.65
CA LEU B 90 -9.86 -10.65 10.30
C LEU B 90 -9.57 -9.68 9.14
N THR B 91 -10.46 -9.62 8.17
CA THR B 91 -10.30 -8.65 7.08
C THR B 91 -11.42 -7.63 7.02
N VAL B 92 -12.57 -7.95 7.63
CA VAL B 92 -13.69 -7.00 7.67
C VAL B 92 -14.24 -6.90 9.08
N LEU B 93 -14.36 -5.67 9.58
CA LEU B 93 -14.92 -5.41 10.89
C LEU B 93 -15.90 -4.26 10.82
N ASP B 94 -17.12 -4.49 11.30
CA ASP B 94 -18.20 -3.51 11.25
C ASP B 94 -18.73 -3.24 12.65
N LEU B 95 -18.51 -2.01 13.14
CA LEU B 95 -19.01 -1.57 14.44
C LEU B 95 -20.02 -0.45 14.29
N GLY B 96 -20.50 -0.26 13.06
CA GLY B 96 -21.36 0.87 12.76
C GLY B 96 -22.67 0.87 13.52
N THR B 97 -23.21 2.05 13.78
CA THR B 97 -24.52 2.20 14.43
C THR B 97 -24.52 1.49 15.80
N ASN B 98 -23.58 1.92 16.64
CA ASN B 98 -23.64 1.57 18.04
C ASN B 98 -23.57 2.88 18.83
N GLN B 99 -23.17 2.83 20.08
CA GLN B 99 -23.07 4.05 20.87
C GLN B 99 -21.68 4.22 21.43
N LEU B 100 -20.69 3.84 20.63
CA LEU B 100 -19.29 3.87 21.08
C LEU B 100 -18.81 5.31 21.20
N THR B 101 -18.15 5.62 22.31
CA THR B 101 -17.60 6.95 22.50
C THR B 101 -16.08 6.92 22.40
N VAL B 102 -15.46 5.92 23.01
CA VAL B 102 -14.03 5.74 22.93
C VAL B 102 -13.75 4.26 22.70
N LEU B 103 -12.61 3.93 22.10
CA LEU B 103 -12.17 2.55 22.01
C LEU B 103 -10.90 2.33 22.82
N PRO B 104 -10.67 1.10 23.29
CA PRO B 104 -9.38 0.83 23.92
C PRO B 104 -8.25 1.20 22.97
N SER B 105 -7.17 1.80 23.48
CA SER B 105 -6.13 2.31 22.59
C SER B 105 -5.53 1.27 21.65
N ALA B 106 -5.39 0.03 22.11
CA ALA B 106 -4.69 -0.99 21.32
C ALA B 106 -5.66 -1.98 20.65
N VAL B 107 -6.92 -1.60 20.55
CA VAL B 107 -7.95 -2.59 20.17
C VAL B 107 -7.77 -3.15 18.76
N PHE B 108 -7.12 -2.39 17.87
CA PHE B 108 -6.91 -2.86 16.50
C PHE B 108 -5.51 -3.39 16.23
N ASP B 109 -4.64 -3.38 17.24
CA ASP B 109 -3.21 -3.56 16.99
C ASP B 109 -2.81 -4.90 16.36
N ARG B 110 -3.58 -5.95 16.65
CA ARG B 110 -3.21 -7.26 16.11
C ARG B 110 -4.00 -7.60 14.86
N LEU B 111 -4.84 -6.68 14.41
CA LEU B 111 -5.65 -6.89 13.21
C LEU B 111 -4.89 -6.42 11.98
N VAL B 112 -3.70 -6.98 11.78
CA VAL B 112 -2.74 -6.45 10.81
C VAL B 112 -3.22 -6.61 9.37
N HIS B 113 -4.14 -7.55 9.13
CA HIS B 113 -4.61 -7.80 7.78
C HIS B 113 -5.93 -7.13 7.45
N LEU B 114 -6.45 -6.29 8.34
CA LEU B 114 -7.77 -5.71 8.13
CA LEU B 114 -7.76 -5.67 8.14
C LEU B 114 -7.84 -4.91 6.82
N LYS B 115 -8.91 -5.14 6.06
CA LYS B 115 -9.09 -4.47 4.77
C LYS B 115 -10.22 -3.44 4.82
N GLU B 116 -11.24 -3.72 5.62
CA GLU B 116 -12.40 -2.83 5.64
C GLU B 116 -12.86 -2.63 7.07
N LEU B 117 -12.90 -1.36 7.48
CA LEU B 117 -13.28 -0.99 8.84
C LEU B 117 -14.44 -0.02 8.79
N PHE B 118 -15.56 -0.43 9.37
CA PHE B 118 -16.76 0.40 9.36
C PHE B 118 -17.14 0.83 10.77
N MET B 119 -17.10 2.14 11.04
CA MET B 119 -17.48 2.64 12.36
C MET B 119 -18.38 3.87 12.30
N CYS B 120 -19.23 3.93 11.28
CA CYS B 120 -20.13 5.05 11.14
C CYS B 120 -21.13 5.09 12.27
N CYS B 121 -21.73 6.26 12.47
CA CYS B 121 -22.94 6.38 13.25
C CYS B 121 -22.74 5.91 14.69
N ASN B 122 -21.62 6.29 15.27
CA ASN B 122 -21.38 6.12 16.70
C ASN B 122 -21.28 7.51 17.35
N LYS B 123 -20.57 7.59 18.47
CA LYS B 123 -20.38 8.87 19.15
C LYS B 123 -18.90 9.15 19.37
N LEU B 124 -18.07 8.72 18.42
CA LEU B 124 -16.62 8.90 18.56
C LEU B 124 -16.24 10.37 18.46
N THR B 125 -15.37 10.83 19.36
CA THR B 125 -14.97 12.23 19.38
C THR B 125 -13.50 12.41 19.02
N GLU B 126 -12.82 11.29 18.78
CA GLU B 126 -11.41 11.30 18.43
C GLU B 126 -11.17 10.13 17.49
N LEU B 127 -10.17 10.25 16.62
CA LEU B 127 -9.80 9.12 15.78
C LEU B 127 -9.13 8.04 16.62
N PRO B 128 -9.67 6.81 16.59
CA PRO B 128 -8.94 5.70 17.21
C PRO B 128 -7.56 5.59 16.58
N ARG B 129 -6.53 5.92 17.36
CA ARG B 129 -5.20 6.00 16.79
C ARG B 129 -4.80 4.60 16.45
N GLY B 130 -3.91 4.41 15.50
CA GLY B 130 -3.57 3.01 15.29
C GLY B 130 -4.49 2.32 14.30
N ILE B 131 -5.62 2.94 13.98
CA ILE B 131 -6.11 2.84 12.63
C ILE B 131 -4.93 3.24 11.72
N GLU B 132 -4.04 4.11 12.23
CA GLU B 132 -2.88 4.57 11.49
C GLU B 132 -2.00 3.45 10.96
N ARG B 133 -1.95 2.32 11.65
CA ARG B 133 -1.05 1.24 11.23
C ARG B 133 -1.76 0.11 10.47
N LEU B 134 -3.04 0.30 10.14
CA LEU B 134 -3.78 -0.73 9.42
C LEU B 134 -3.54 -0.53 7.93
N THR B 135 -2.33 -0.88 7.48
CA THR B 135 -1.88 -0.45 6.16
C THR B 135 -2.58 -1.17 5.00
N HIS B 136 -3.30 -2.24 5.30
CA HIS B 136 -3.99 -2.96 4.23
C HIS B 136 -5.42 -2.48 4.01
N LEU B 137 -5.83 -1.46 4.75
CA LEU B 137 -7.18 -0.93 4.61
C LEU B 137 -7.48 -0.44 3.20
N THR B 138 -8.58 -0.90 2.63
CA THR B 138 -9.10 -0.28 1.40
C THR B 138 -10.30 0.62 1.70
N HIS B 139 -11.03 0.28 2.75
CA HIS B 139 -12.27 0.97 3.13
C HIS B 139 -12.19 1.42 4.58
N LEU B 140 -12.44 2.70 4.82
CA LEU B 140 -12.51 3.22 6.18
C LEU B 140 -13.72 4.13 6.30
N ALA B 141 -14.65 3.77 7.18
CA ALA B 141 -15.87 4.56 7.33
C ALA B 141 -15.95 5.16 8.72
N LEU B 142 -15.89 6.49 8.77
CA LEU B 142 -15.92 7.22 10.03
C LEU B 142 -17.06 8.22 10.04
N ASP B 143 -17.98 8.07 9.09
CA ASP B 143 -19.01 9.08 8.89
C ASP B 143 -20.02 9.08 10.04
N GLN B 144 -20.66 10.24 10.22
CA GLN B 144 -21.69 10.44 11.23
C GLN B 144 -21.22 10.13 12.64
N ASN B 145 -20.03 10.62 12.97
CA ASN B 145 -19.57 10.59 14.34
C ASN B 145 -19.45 12.01 14.84
N GLN B 146 -18.64 12.22 15.87
CA GLN B 146 -18.44 13.55 16.42
C GLN B 146 -16.98 13.97 16.35
N LEU B 147 -16.31 13.55 15.28
CA LEU B 147 -14.90 13.89 15.09
C LEU B 147 -14.72 15.38 14.77
N LYS B 148 -13.69 15.99 15.37
CA LYS B 148 -13.41 17.41 15.18
C LYS B 148 -12.14 17.65 14.37
N SER B 149 -11.23 16.69 14.37
CA SER B 149 -10.00 16.84 13.59
CA SER B 149 -9.99 16.85 13.64
C SER B 149 -9.32 15.50 13.41
N ILE B 150 -8.26 15.50 12.62
CA ILE B 150 -7.46 14.31 12.42
C ILE B 150 -6.03 14.66 12.78
N PRO B 151 -5.40 13.88 13.69
CA PRO B 151 -4.01 14.10 14.09
C PRO B 151 -3.11 14.15 12.87
N HIS B 152 -2.17 15.09 12.84
CA HIS B 152 -1.30 15.26 11.69
C HIS B 152 -0.64 13.93 11.33
N GLY B 153 -0.69 13.59 10.05
CA GLY B 153 -0.04 12.39 9.57
C GLY B 153 -0.83 11.10 9.69
N ALA B 154 -2.02 11.13 10.31
CA ALA B 154 -2.71 9.88 10.68
C ALA B 154 -3.02 8.93 9.53
N PHE B 155 -3.22 9.47 8.33
CA PHE B 155 -3.65 8.65 7.20
C PHE B 155 -2.49 8.29 6.26
N ASP B 156 -1.29 8.71 6.61
CA ASP B 156 -0.21 8.71 5.62
C ASP B 156 0.36 7.33 5.30
N ARG B 157 0.09 6.35 6.16
CA ARG B 157 0.52 4.99 5.86
C ARG B 157 -0.55 4.16 5.16
N LEU B 158 -1.75 4.73 5.00
CA LEU B 158 -2.88 3.94 4.48
C LEU B 158 -2.87 3.95 2.95
N SER B 159 -1.87 3.26 2.39
CA SER B 159 -1.50 3.36 0.99
C SER B 159 -2.45 2.62 0.08
N SER B 160 -3.34 1.83 0.66
CA SER B 160 -4.25 1.02 -0.14
C SER B 160 -5.68 1.51 -0.11
N LEU B 161 -5.93 2.65 0.53
CA LEU B 161 -7.29 3.15 0.67
C LEU B 161 -7.89 3.47 -0.69
N THR B 162 -9.11 2.98 -0.90
CA THR B 162 -9.88 3.32 -2.09
C THR B 162 -11.18 4.04 -1.73
N HIS B 163 -11.66 3.86 -0.50
CA HIS B 163 -12.93 4.43 -0.07
C HIS B 163 -12.81 4.96 1.37
N ALA B 164 -12.88 6.27 1.51
CA ALA B 164 -12.84 6.91 2.82
C ALA B 164 -14.12 7.71 3.05
N TYR B 165 -14.83 7.42 4.14
CA TYR B 165 -16.09 8.08 4.43
C TYR B 165 -15.97 9.00 5.64
N LEU B 166 -16.04 10.31 5.39
CA LEU B 166 -15.88 11.27 6.49
C LEU B 166 -17.06 12.22 6.71
N PHE B 167 -18.12 12.07 5.91
CA PHE B 167 -19.30 12.91 5.97
C PHE B 167 -19.92 12.97 7.37
N GLY B 168 -20.56 14.08 7.70
CA GLY B 168 -21.36 14.16 8.91
C GLY B 168 -20.61 14.22 10.22
N ASN B 169 -19.37 14.71 10.15
CA ASN B 169 -18.60 15.02 11.34
C ASN B 169 -18.45 16.53 11.52
N PRO B 170 -18.43 16.99 12.78
CA PRO B 170 -18.33 18.43 13.03
C PRO B 170 -16.89 18.92 12.98
N TRP B 171 -16.28 18.85 11.81
CA TRP B 171 -14.87 19.22 11.66
C TRP B 171 -14.62 20.65 12.10
N ASP B 172 -13.62 20.82 12.96
CA ASP B 172 -13.32 22.12 13.53
C ASP B 172 -12.40 22.90 12.61
N CYS B 173 -12.98 23.72 11.73
CA CYS B 173 -12.19 24.40 10.71
C CYS B 173 -11.59 25.74 11.15
N GLU B 174 -11.88 26.18 12.36
CA GLU B 174 -11.28 27.40 12.92
C GLU B 174 -9.87 27.12 13.44
N CYS B 175 -9.63 25.88 13.88
CA CYS B 175 -8.35 25.47 14.43
C CYS B 175 -7.36 25.13 13.32
N ARG B 176 -6.12 25.65 13.42
CA ARG B 176 -5.18 25.47 12.32
C ARG B 176 -4.80 24.00 12.11
N ASP B 177 -5.09 23.16 13.09
CA ASP B 177 -4.76 21.74 12.96
C ASP B 177 -5.60 21.04 11.91
N ILE B 178 -6.64 21.71 11.42
CA ILE B 178 -7.50 21.12 10.39
C ILE B 178 -6.76 21.08 9.05
N MET B 179 -5.64 21.80 8.98
CA MET B 179 -4.87 21.85 7.73
C MET B 179 -4.40 20.47 7.26
N TYR B 180 -4.14 19.55 8.18
CA TYR B 180 -3.73 18.21 7.75
C TYR B 180 -4.87 17.55 6.99
N LEU B 181 -6.06 17.56 7.57
CA LEU B 181 -7.20 16.93 6.91
C LEU B 181 -7.50 17.63 5.59
N ARG B 182 -7.46 18.97 5.58
CA ARG B 182 -7.64 19.72 4.34
C ARG B 182 -6.71 19.24 3.24
N ASN B 183 -5.42 19.19 3.56
CA ASN B 183 -4.41 18.82 2.60
C ASN B 183 -4.58 17.37 2.16
N TRP B 184 -4.98 16.51 3.09
CA TRP B 184 -5.14 15.10 2.78
C TRP B 184 -6.31 14.90 1.82
N VAL B 185 -7.42 15.59 2.05
CA VAL B 185 -8.58 15.46 1.16
C VAL B 185 -8.21 15.98 -0.22
N ALA B 186 -7.53 17.12 -0.26
CA ALA B 186 -7.08 17.67 -1.54
C ALA B 186 -6.16 16.70 -2.30
N ASP B 187 -5.32 15.98 -1.57
CA ASP B 187 -4.39 15.02 -2.17
C ASP B 187 -5.09 13.74 -2.60
N HIS B 188 -6.29 13.51 -2.08
CA HIS B 188 -6.95 12.22 -2.28
C HIS B 188 -8.44 12.40 -2.60
N THR B 189 -8.74 13.25 -3.57
CA THR B 189 -10.12 13.54 -3.86
C THR B 189 -10.82 12.31 -4.43
N SER B 190 -10.07 11.44 -5.10
CA SER B 190 -10.70 10.31 -5.79
C SER B 190 -11.18 9.23 -4.81
N ILE B 191 -10.71 9.26 -3.56
CA ILE B 191 -11.18 8.25 -2.61
C ILE B 191 -12.15 8.84 -1.59
N ALA B 192 -12.50 10.12 -1.75
CA ALA B 192 -13.47 10.73 -0.86
C ALA B 192 -14.87 10.28 -1.22
N MET B 193 -15.49 9.51 -0.33
CA MET B 193 -16.77 8.88 -0.64
C MET B 193 -17.87 9.27 0.33
N ARG B 194 -19.10 9.34 -0.16
CA ARG B 194 -20.23 9.30 0.74
C ARG B 194 -21.14 8.18 0.27
N TRP B 195 -21.81 7.55 1.22
CA TRP B 195 -22.68 6.42 0.89
C TRP B 195 -24.11 6.89 0.75
N ASP B 196 -24.66 6.71 -0.44
CA ASP B 196 -26.06 7.01 -0.68
C ASP B 196 -26.66 5.84 -1.45
N GLY B 197 -26.79 4.71 -0.76
CA GLY B 197 -27.23 3.47 -1.39
C GLY B 197 -26.08 2.77 -2.10
N LYS B 198 -25.01 3.52 -2.34
CA LYS B 198 -23.85 3.01 -3.05
C LYS B 198 -22.74 4.02 -2.80
N ALA B 199 -21.51 3.69 -3.16
CA ALA B 199 -20.42 4.64 -2.97
C ALA B 199 -20.51 5.73 -4.04
N VAL B 200 -20.52 6.98 -3.58
CA VAL B 200 -20.53 8.15 -4.46
C VAL B 200 -19.29 9.00 -4.18
N ASN B 201 -18.51 9.26 -5.21
CA ASN B 201 -17.31 10.09 -5.04
C ASN B 201 -17.72 11.53 -4.79
N ASP B 202 -17.35 12.06 -3.63
CA ASP B 202 -17.74 13.40 -3.23
C ASP B 202 -16.65 14.05 -2.41
N PRO B 203 -15.73 14.75 -3.08
CA PRO B 203 -14.62 15.36 -2.31
C PRO B 203 -15.07 16.46 -1.36
N ASP B 204 -16.31 16.93 -1.47
CA ASP B 204 -16.83 17.93 -0.55
C ASP B 204 -17.57 17.31 0.64
N SER B 205 -17.47 15.98 0.81
CA SER B 205 -18.27 15.31 1.83
C SER B 205 -17.87 15.71 3.26
N ALA B 206 -16.58 15.97 3.49
CA ALA B 206 -16.14 16.50 4.77
C ALA B 206 -16.42 17.99 4.84
N LYS B 207 -17.27 18.40 5.78
CA LYS B 207 -17.71 19.78 5.86
C LYS B 207 -17.45 20.38 7.24
N CYS B 208 -17.16 21.68 7.25
CA CYS B 208 -16.89 22.38 8.49
C CYS B 208 -18.11 22.52 9.39
N ALA B 209 -17.90 22.31 10.69
CA ALA B 209 -18.92 22.55 11.69
C ALA B 209 -19.47 23.97 11.59
N GLY B 210 -20.78 24.11 11.67
CA GLY B 210 -21.38 25.44 11.68
C GLY B 210 -21.62 26.05 10.31
N THR B 211 -20.55 26.25 9.55
CA THR B 211 -20.67 26.85 8.22
C THR B 211 -21.11 25.87 7.13
N ASN B 212 -20.75 24.60 7.30
CA ASN B 212 -21.02 23.56 6.31
C ASN B 212 -20.23 23.68 5.01
N THR B 213 -19.21 24.53 5.03
CA THR B 213 -18.35 24.72 3.86
C THR B 213 -17.39 23.53 3.79
N PRO B 214 -16.96 23.12 2.58
CA PRO B 214 -16.05 21.95 2.49
C PRO B 214 -14.73 22.14 3.25
N VAL B 215 -14.31 21.11 3.95
CA VAL B 215 -13.01 21.12 4.63
C VAL B 215 -11.88 21.39 3.65
N ARG B 216 -11.98 20.85 2.43
CA ARG B 216 -10.88 21.02 1.49
C ARG B 216 -10.76 22.46 0.97
N ALA B 217 -11.75 23.30 1.28
CA ALA B 217 -11.75 24.68 0.80
C ALA B 217 -11.39 25.67 1.91
N VAL B 218 -10.95 25.15 3.05
CA VAL B 218 -10.52 26.00 4.16
C VAL B 218 -9.26 26.80 3.78
N THR B 219 -9.27 28.11 3.98
CA THR B 219 -8.08 28.91 3.73
C THR B 219 -7.24 28.97 5.00
N GLU B 220 -5.92 29.01 4.83
CA GLU B 220 -5.00 29.09 5.96
C GLU B 220 -5.32 30.30 6.82
N ALA B 221 -5.61 31.43 6.17
CA ALA B 221 -5.84 32.70 6.87
C ALA B 221 -7.07 32.65 7.78
N SER B 222 -8.03 31.80 7.44
CA SER B 222 -9.26 31.67 8.23
C SER B 222 -9.06 30.86 9.51
N THR B 223 -7.89 30.24 9.65
CA THR B 223 -7.58 29.43 10.81
C THR B 223 -6.62 30.17 11.74
N SER B 224 -6.49 29.65 12.96
CA SER B 224 -5.56 30.24 13.93
C SER B 224 -5.19 29.17 14.96
N PRO B 225 -3.93 29.19 15.42
CA PRO B 225 -3.58 28.26 16.49
C PRO B 225 -4.31 28.58 17.79
N SER B 226 -4.61 29.84 18.05
CA SER B 226 -5.28 30.20 19.30
C SER B 226 -6.77 29.83 19.28
N LYS B 227 -7.28 29.36 18.14
CA LYS B 227 -8.65 28.84 18.11
C LYS B 227 -8.67 27.33 18.23
N CYS B 228 -7.54 26.75 18.60
CA CYS B 228 -7.49 25.31 18.84
C CYS B 228 -7.85 25.01 20.28
N PRO B 229 -8.41 23.82 20.54
CA PRO B 229 -8.68 23.35 21.91
C PRO B 229 -7.39 23.01 22.66
#